data_7G9N
#
_entry.id   7G9N
#
_cell.length_a   53.420
_cell.length_b   69.753
_cell.length_c   57.384
_cell.angle_alpha   90.000
_cell.angle_beta   92.180
_cell.angle_gamma   90.000
#
_symmetry.space_group_name_H-M   'P 1 21 1'
#
loop_
_entity.id
_entity.type
_entity.pdbx_description
1 polymer 'Serine protease NS3'
2 non-polymer 1,2-ETHANEDIOL
3 non-polymer 'PHOSPHATE ION'
4 non-polymer (4S)-2-METHYL-2,4-PENTANEDIOL
5 non-polymer N-(4-fluorophenyl)-2-(piperazin-1-yl)acetamide
6 water water
#
_entity_poly.entity_id   1
_entity_poly.type   'polypeptide(L)'
_entity_poly.pdbx_seq_one_letter_code
;MLKKKQLTVLDLHPGAGKTRRVLPEIVREAIKKRLRTVILAPTRVVAAEMEEALRGLPVRYMTTAVNVTHSGTEIVDLMC
HATFTSRLLQPIRVPNYNLNIMDEAHFTDPSSIAARGYISTRVEMGEAAAIFMTATPPGTRDAFPDSNSPIMDTEVEVPE
RAWSSGFDWVTDHSGKTVWFVPSVRNGNEIAACLTKAGKRVIQLSRKTFETEFQKTKNQEWDFVITTDISEMGANFKADR
VIDSRRCLKPVILDGERVILAGPMPVTHASAAQRRGRIGRNPNKPGDEYMYGGGCAETDEGHAHWLEARMLLDNIYLQDG
LIASLYRPEADKVAAIEGEFKLRTEQRKTFVELMKRGDLPVWLAYQVASAGITYTDRRWCFDGTTNNTIMEDSVPAEVWT
KYGEKRVLKPRWMDARVCSDHAALKSFKEFAAGKR
;
_entity_poly.pdbx_strand_id   A
#
loop_
_chem_comp.id
_chem_comp.type
_chem_comp.name
_chem_comp.formula
EDO non-polymer 1,2-ETHANEDIOL 'C2 H6 O2'
MPD non-polymer (4S)-2-METHYL-2,4-PENTANEDIOL 'C6 H14 O2'
PO4 non-polymer 'PHOSPHATE ION' 'O4 P -3'
ZU7 non-polymer N-(4-fluorophenyl)-2-(piperazin-1-yl)acetamide 'C12 H16 F N3 O'
#
# COMPACT_ATOMS: atom_id res chain seq x y z
N MET A 1 -0.23 -22.65 -16.41
CA MET A 1 -0.89 -21.63 -15.62
C MET A 1 -1.81 -20.74 -16.46
N LEU A 2 -1.44 -20.52 -17.72
CA LEU A 2 -2.09 -19.57 -18.62
C LEU A 2 -3.46 -20.00 -19.15
N LYS A 3 -3.88 -21.26 -18.86
CA LYS A 3 -5.17 -21.80 -19.25
C LYS A 3 -6.30 -20.99 -18.65
N LYS A 4 -7.33 -20.68 -19.46
CA LYS A 4 -8.49 -19.93 -18.99
C LYS A 4 -9.14 -20.61 -17.75
N LYS A 5 -9.86 -19.83 -16.94
CA LYS A 5 -10.54 -20.28 -15.74
C LYS A 5 -9.61 -20.76 -14.62
N GLN A 6 -8.33 -20.30 -14.56
CA GLN A 6 -7.49 -20.71 -13.43
C GLN A 6 -6.70 -19.59 -12.75
N LEU A 7 -6.66 -19.62 -11.41
CA LEU A 7 -5.89 -18.68 -10.63
C LEU A 7 -4.78 -19.47 -9.94
N THR A 8 -3.53 -19.08 -10.20
CA THR A 8 -2.37 -19.72 -9.62
C THR A 8 -1.69 -18.79 -8.67
N VAL A 9 -1.34 -19.28 -7.47
CA VAL A 9 -0.60 -18.47 -6.52
C VAL A 9 0.87 -18.92 -6.64
N LEU A 10 1.76 -18.03 -7.09
CA LEU A 10 3.18 -18.37 -7.25
C LEU A 10 3.83 -17.88 -5.98
N ASP A 11 4.07 -18.83 -5.06
CA ASP A 11 4.50 -18.49 -3.71
C ASP A 11 5.91 -18.89 -3.40
N LEU A 12 6.81 -18.72 -4.37
CA LEU A 12 8.24 -18.95 -4.12
C LEU A 12 8.72 -17.96 -3.02
N HIS A 13 9.72 -18.36 -2.24
CA HIS A 13 10.22 -17.56 -1.13
C HIS A 13 10.76 -16.19 -1.59
N PRO A 14 10.84 -15.21 -0.68
CA PRO A 14 11.34 -13.87 -1.05
C PRO A 14 12.76 -13.96 -1.60
N GLY A 15 12.99 -13.33 -2.75
CA GLY A 15 14.31 -13.41 -3.38
C GLY A 15 14.50 -14.62 -4.27
N ALA A 16 13.47 -15.47 -4.44
CA ALA A 16 13.61 -16.66 -5.31
C ALA A 16 13.69 -16.33 -6.81
N GLY A 17 13.30 -15.11 -7.21
CA GLY A 17 13.38 -14.72 -8.62
C GLY A 17 12.04 -14.59 -9.32
N LYS A 18 10.96 -14.38 -8.54
CA LYS A 18 9.63 -14.28 -9.16
C LYS A 18 9.54 -13.15 -10.18
N THR A 19 10.03 -11.96 -9.80
CA THR A 19 10.00 -10.77 -10.66
C THR A 19 11.02 -10.76 -11.80
N ARG A 20 12.30 -11.13 -11.52
CA ARG A 20 13.32 -11.01 -12.55
C ARG A 20 13.52 -12.28 -13.40
N ARG A 21 13.12 -13.47 -12.90
CA ARG A 21 13.33 -14.70 -13.67
C ARG A 21 12.01 -15.28 -14.18
N VAL A 22 11.03 -15.47 -13.30
CA VAL A 22 9.77 -16.11 -13.70
C VAL A 22 8.90 -15.18 -14.56
N LEU A 23 8.71 -13.93 -14.12
CA LEU A 23 7.83 -12.99 -14.86
C LEU A 23 8.17 -12.89 -16.38
N PRO A 24 9.45 -12.72 -16.81
CA PRO A 24 9.72 -12.64 -18.26
C PRO A 24 9.31 -13.90 -19.02
N GLU A 25 9.46 -15.11 -18.40
CA GLU A 25 9.08 -16.37 -19.06
C GLU A 25 7.56 -16.43 -19.23
N ILE A 26 6.82 -15.98 -18.19
CA ILE A 26 5.34 -15.95 -18.30
C ILE A 26 4.92 -15.00 -19.44
N VAL A 27 5.55 -13.83 -19.50
CA VAL A 27 5.24 -12.82 -20.52
C VAL A 27 5.52 -13.33 -21.95
N ARG A 28 6.64 -14.00 -22.15
CA ARG A 28 6.97 -14.57 -23.46
C ARG A 28 5.92 -15.60 -23.89
N GLU A 29 5.54 -16.49 -22.96
CA GLU A 29 4.54 -17.50 -23.25
C GLU A 29 3.17 -16.84 -23.53
N ALA A 30 2.81 -15.78 -22.78
CA ALA A 30 1.52 -15.09 -23.01
C ALA A 30 1.49 -14.45 -24.42
N ILE A 31 2.61 -13.84 -24.85
CA ILE A 31 2.71 -13.22 -26.19
C ILE A 31 2.64 -14.32 -27.26
N LYS A 32 3.32 -15.45 -27.04
CA LYS A 32 3.28 -16.60 -27.98
C LYS A 32 1.83 -17.11 -28.18
N LYS A 33 1.02 -17.08 -27.11
CA LYS A 33 -0.38 -17.54 -27.20
C LYS A 33 -1.40 -16.47 -27.52
N ARG A 34 -0.94 -15.28 -27.86
CA ARG A 34 -1.79 -14.11 -28.15
C ARG A 34 -2.77 -13.82 -27.03
N LEU A 35 -2.26 -13.84 -25.78
CA LEU A 35 -3.14 -13.49 -24.65
C LEU A 35 -2.98 -11.99 -24.36
N ARG A 36 -4.09 -11.24 -24.36
CA ARG A 36 -4.08 -9.82 -23.97
C ARG A 36 -3.82 -9.86 -22.42
N THR A 37 -2.70 -9.29 -21.96
CA THR A 37 -2.24 -9.47 -20.58
C THR A 37 -2.02 -8.17 -19.84
N VAL A 38 -2.32 -8.15 -18.51
CA VAL A 38 -1.97 -6.99 -17.70
C VAL A 38 -0.99 -7.46 -16.61
N ILE A 39 0.05 -6.64 -16.35
CA ILE A 39 0.99 -6.90 -15.25
C ILE A 39 0.81 -5.74 -14.25
N LEU A 40 0.58 -6.05 -12.96
CA LEU A 40 0.27 -5.04 -11.96
C LEU A 40 1.38 -4.95 -10.94
N ALA A 41 2.04 -3.78 -10.91
CA ALA A 41 3.16 -3.49 -10.00
C ALA A 41 2.61 -2.77 -8.75
N PRO A 42 3.11 -3.02 -7.54
CA PRO A 42 2.55 -2.31 -6.36
C PRO A 42 2.91 -0.81 -6.32
N THR A 43 4.12 -0.44 -6.78
CA THR A 43 4.65 0.91 -6.75
C THR A 43 5.40 1.26 -8.08
N ARG A 44 5.72 2.56 -8.26
CA ARG A 44 6.48 3.02 -9.40
CA ARG A 44 6.48 3.03 -9.40
C ARG A 44 7.89 2.45 -9.37
N VAL A 45 8.47 2.25 -8.14
CA VAL A 45 9.81 1.67 -8.04
C VAL A 45 9.80 0.24 -8.62
N VAL A 46 8.74 -0.56 -8.32
CA VAL A 46 8.70 -1.93 -8.85
C VAL A 46 8.43 -1.89 -10.36
N ALA A 47 7.62 -0.92 -10.83
CA ALA A 47 7.34 -0.78 -12.27
C ALA A 47 8.66 -0.56 -13.04
N ALA A 48 9.56 0.26 -12.48
CA ALA A 48 10.85 0.53 -13.13
C ALA A 48 11.77 -0.68 -13.07
N GLU A 49 11.74 -1.46 -11.98
CA GLU A 49 12.55 -2.70 -11.92
C GLU A 49 12.03 -3.76 -12.91
N MET A 50 10.72 -3.80 -13.11
CA MET A 50 10.13 -4.73 -14.05
C MET A 50 10.54 -4.38 -15.47
N GLU A 51 10.62 -3.06 -15.82
CA GLU A 51 11.06 -2.70 -17.18
C GLU A 51 12.46 -3.26 -17.49
N GLU A 52 13.33 -3.23 -16.49
CA GLU A 52 14.71 -3.71 -16.64
C GLU A 52 14.73 -5.23 -16.87
N ALA A 53 13.84 -5.97 -16.19
CA ALA A 53 13.71 -7.42 -16.34
C ALA A 53 13.04 -7.82 -17.64
N LEU A 54 12.15 -6.97 -18.16
CA LEU A 54 11.42 -7.24 -19.39
C LEU A 54 11.96 -6.50 -20.62
N ARG A 55 13.09 -5.78 -20.49
CA ARG A 55 13.63 -4.96 -21.57
C ARG A 55 13.79 -5.75 -22.89
N GLY A 56 13.26 -5.21 -23.97
CA GLY A 56 13.29 -5.89 -25.25
C GLY A 56 11.98 -6.55 -25.61
N LEU A 57 11.17 -6.92 -24.58
CA LEU A 57 9.86 -7.52 -24.82
C LEU A 57 8.83 -6.41 -25.11
N PRO A 58 7.83 -6.70 -25.96
CA PRO A 58 6.86 -5.67 -26.31
C PRO A 58 5.80 -5.48 -25.21
N VAL A 59 6.13 -4.61 -24.25
CA VAL A 59 5.23 -4.28 -23.10
C VAL A 59 4.92 -2.78 -23.15
N ARG A 60 3.62 -2.42 -22.99
CA ARG A 60 3.14 -1.05 -22.99
C ARG A 60 3.15 -0.58 -21.54
N TYR A 61 3.96 0.44 -21.21
CA TYR A 61 4.09 0.91 -19.82
C TYR A 61 3.13 2.06 -19.58
N MET A 62 2.06 1.77 -18.83
CA MET A 62 1.06 2.78 -18.52
C MET A 62 1.39 3.40 -17.18
N THR A 63 2.59 4.02 -17.10
CA THR A 63 3.07 4.64 -15.85
C THR A 63 4.12 5.68 -16.23
N THR A 64 4.18 6.83 -15.51
CA THR A 64 5.24 7.81 -15.83
C THR A 64 6.58 7.44 -15.17
N ALA A 65 6.67 6.28 -14.50
CA ALA A 65 7.92 5.82 -13.89
C ALA A 65 8.91 5.30 -14.93
N VAL A 66 8.41 4.93 -16.15
CA VAL A 66 9.26 4.39 -17.21
C VAL A 66 9.19 5.35 -18.42
N ASN A 67 10.36 5.81 -18.91
CA ASN A 67 10.39 6.71 -20.06
C ASN A 67 10.35 5.93 -21.37
N VAL A 68 9.27 5.16 -21.61
CA VAL A 68 9.13 4.44 -22.87
C VAL A 68 7.74 4.70 -23.47
N THR A 69 7.73 5.21 -24.70
CA THR A 69 6.49 5.48 -25.44
C THR A 69 6.05 4.22 -26.19
N HIS A 70 4.76 3.89 -26.12
CA HIS A 70 4.27 2.69 -26.77
C HIS A 70 4.28 2.81 -28.30
N SER A 71 4.45 1.67 -28.96
CA SER A 71 4.49 1.67 -30.43
C SER A 71 3.27 1.06 -31.11
N GLY A 72 2.35 0.48 -30.34
CA GLY A 72 1.16 -0.18 -30.87
C GLY A 72 1.35 -1.64 -31.22
N THR A 73 2.56 -2.17 -31.09
CA THR A 73 2.82 -3.58 -31.33
C THR A 73 2.54 -4.42 -30.03
N GLU A 74 2.11 -3.77 -28.91
CA GLU A 74 2.03 -4.47 -27.63
C GLU A 74 0.64 -4.99 -27.27
N ILE A 75 0.59 -6.26 -26.81
CA ILE A 75 -0.64 -6.82 -26.29
C ILE A 75 -0.51 -7.08 -24.74
N VAL A 76 0.61 -6.65 -24.13
CA VAL A 76 0.88 -6.76 -22.70
C VAL A 76 0.95 -5.33 -22.18
N ASP A 77 0.12 -5.01 -21.15
CA ASP A 77 0.12 -3.70 -20.51
C ASP A 77 0.66 -3.82 -19.10
N LEU A 78 1.42 -2.83 -18.61
CA LEU A 78 1.97 -2.85 -17.24
C LEU A 78 1.55 -1.54 -16.57
N MET A 79 0.96 -1.65 -15.37
CA MET A 79 0.57 -0.44 -14.63
C MET A 79 0.58 -0.77 -13.13
N CYS A 80 0.42 0.25 -12.29
CA CYS A 80 0.38 0.00 -10.85
C CYS A 80 -0.95 -0.59 -10.41
N HIS A 81 -0.98 -1.27 -9.22
CA HIS A 81 -2.27 -1.82 -8.72
C HIS A 81 -3.33 -0.69 -8.63
N ALA A 82 -2.93 0.49 -8.15
CA ALA A 82 -3.89 1.61 -7.94
C ALA A 82 -4.42 2.15 -9.28
N THR A 83 -3.57 2.15 -10.30
CA THR A 83 -3.99 2.61 -11.63
C THR A 83 -5.03 1.67 -12.24
N PHE A 84 -4.86 0.35 -12.07
CA PHE A 84 -5.87 -0.61 -12.57
C PHE A 84 -7.24 -0.34 -11.96
N THR A 85 -7.26 -0.21 -10.61
CA THR A 85 -8.55 0.00 -9.94
C THR A 85 -9.14 1.35 -10.29
N SER A 86 -8.28 2.36 -10.39
CA SER A 86 -8.74 3.71 -10.77
C SER A 86 -9.38 3.71 -12.16
N ARG A 87 -8.73 3.04 -13.13
CA ARG A 87 -9.29 3.03 -14.51
C ARG A 87 -10.60 2.24 -14.55
N LEU A 88 -10.71 1.16 -13.69
CA LEU A 88 -11.98 0.43 -13.63
C LEU A 88 -13.10 1.35 -13.12
N LEU A 89 -12.81 2.18 -12.11
CA LEU A 89 -13.81 3.10 -11.54
C LEU A 89 -14.21 4.26 -12.48
N GLN A 90 -13.25 4.77 -13.22
CA GLN A 90 -13.46 5.90 -14.15
C GLN A 90 -14.28 5.47 -15.38
N PRO A 91 -14.86 6.46 -16.11
CA PRO A 91 -15.67 6.13 -17.30
C PRO A 91 -14.78 5.92 -18.52
N ILE A 92 -13.78 5.10 -18.38
CA ILE A 92 -12.88 4.73 -19.46
C ILE A 92 -12.89 3.20 -19.54
N ARG A 93 -12.81 2.65 -20.75
CA ARG A 93 -12.87 1.23 -20.97
C ARG A 93 -11.53 0.58 -20.70
N VAL A 94 -11.56 -0.43 -19.87
CA VAL A 94 -10.36 -1.22 -19.55
C VAL A 94 -10.57 -2.50 -20.34
N PRO A 95 -9.54 -2.97 -21.07
CA PRO A 95 -9.71 -4.22 -21.82
C PRO A 95 -10.08 -5.38 -20.89
N ASN A 96 -10.79 -6.39 -21.40
CA ASN A 96 -11.11 -7.56 -20.59
C ASN A 96 -9.93 -8.54 -20.72
N TYR A 97 -8.80 -8.27 -20.01
CA TYR A 97 -7.58 -9.08 -20.11
C TYR A 97 -7.76 -10.58 -19.96
N ASN A 98 -7.14 -11.36 -20.90
CA ASN A 98 -7.21 -12.83 -20.83
C ASN A 98 -6.36 -13.36 -19.67
N LEU A 99 -5.22 -12.69 -19.41
CA LEU A 99 -4.31 -13.11 -18.35
C LEU A 99 -4.00 -11.88 -17.46
N ASN A 100 -4.12 -12.06 -16.13
CA ASN A 100 -3.95 -10.95 -15.18
C ASN A 100 -2.86 -11.36 -14.20
N ILE A 101 -1.74 -10.66 -14.21
CA ILE A 101 -0.62 -11.00 -13.34
C ILE A 101 -0.47 -9.94 -12.28
N MET A 102 -0.52 -10.32 -10.96
CA MET A 102 -0.31 -9.28 -9.96
C MET A 102 0.98 -9.57 -9.22
N ASP A 103 1.99 -8.65 -9.31
CA ASP A 103 3.22 -8.86 -8.55
C ASP A 103 3.01 -8.25 -7.13
N GLU A 104 3.72 -8.78 -6.13
CA GLU A 104 3.59 -8.37 -4.72
C GLU A 104 2.11 -8.35 -4.31
N ALA A 105 1.45 -9.49 -4.63
CA ALA A 105 0.03 -9.70 -4.46
C ALA A 105 -0.42 -9.75 -2.98
N HIS A 106 0.52 -9.51 -2.03
CA HIS A 106 0.12 -9.45 -0.61
C HIS A 106 -0.29 -8.02 -0.21
N PHE A 107 -0.13 -7.01 -1.09
CA PHE A 107 -0.38 -5.61 -0.72
C PHE A 107 -1.79 -5.42 -0.20
N THR A 108 -1.93 -4.82 1.04
CA THR A 108 -3.24 -4.67 1.67
C THR A 108 -3.82 -3.25 1.55
N ASP A 109 -3.31 -2.39 0.64
CA ASP A 109 -3.99 -1.10 0.43
C ASP A 109 -5.36 -1.38 -0.23
N PRO A 110 -6.38 -0.56 0.01
CA PRO A 110 -7.73 -0.87 -0.51
C PRO A 110 -7.76 -1.12 -2.01
N SER A 111 -7.01 -0.34 -2.81
CA SER A 111 -7.07 -0.55 -4.29
C SER A 111 -6.49 -1.90 -4.70
N SER A 112 -5.53 -2.43 -3.90
CA SER A 112 -4.89 -3.72 -4.27
C SER A 112 -5.87 -4.86 -3.89
N ILE A 113 -6.51 -4.76 -2.71
CA ILE A 113 -7.53 -5.76 -2.35
C ILE A 113 -8.66 -5.78 -3.37
N ALA A 114 -9.12 -4.56 -3.80
CA ALA A 114 -10.20 -4.50 -4.78
C ALA A 114 -9.74 -5.13 -6.11
N ALA A 115 -8.49 -4.84 -6.55
CA ALA A 115 -8.00 -5.41 -7.81
C ALA A 115 -8.01 -6.97 -7.72
N ARG A 116 -7.60 -7.55 -6.56
CA ARG A 116 -7.64 -9.01 -6.43
C ARG A 116 -9.07 -9.52 -6.51
N GLY A 117 -10.01 -8.79 -5.92
CA GLY A 117 -11.40 -9.24 -5.91
C GLY A 117 -11.97 -9.27 -7.33
N TYR A 118 -11.73 -8.21 -8.06
CA TYR A 118 -12.22 -8.08 -9.43
C TYR A 118 -11.60 -9.21 -10.30
N ILE A 119 -10.27 -9.35 -10.26
CA ILE A 119 -9.60 -10.37 -11.07
C ILE A 119 -10.07 -11.78 -10.68
N SER A 120 -10.11 -12.11 -9.35
CA SER A 120 -10.51 -13.46 -8.95
C SER A 120 -11.96 -13.73 -9.33
N THR A 121 -12.84 -12.71 -9.36
CA THR A 121 -14.23 -12.91 -9.78
C THR A 121 -14.28 -13.24 -11.27
N ARG A 122 -13.48 -12.52 -12.10
CA ARG A 122 -13.43 -12.83 -13.54
C ARG A 122 -12.95 -14.28 -13.78
N VAL A 123 -11.98 -14.76 -12.97
CA VAL A 123 -11.50 -16.14 -13.11
C VAL A 123 -12.65 -17.11 -12.72
N GLU A 124 -13.34 -16.84 -11.59
CA GLU A 124 -14.48 -17.65 -11.14
C GLU A 124 -15.56 -17.74 -12.21
N MET A 125 -15.82 -16.63 -12.90
CA MET A 125 -16.80 -16.60 -14.00
C MET A 125 -16.39 -17.42 -15.22
N GLY A 126 -15.13 -17.83 -15.29
CA GLY A 126 -14.59 -18.59 -16.41
C GLY A 126 -14.12 -17.73 -17.57
N GLU A 127 -13.89 -16.43 -17.33
CA GLU A 127 -13.58 -15.45 -18.36
C GLU A 127 -12.10 -15.11 -18.52
N ALA A 128 -11.27 -15.53 -17.57
CA ALA A 128 -9.88 -15.11 -17.54
C ALA A 128 -9.01 -16.06 -16.72
N ALA A 129 -7.67 -15.92 -16.82
CA ALA A 129 -6.70 -16.62 -15.98
C ALA A 129 -5.98 -15.53 -15.14
N ALA A 130 -5.42 -15.92 -14.03
CA ALA A 130 -4.67 -15.00 -13.19
C ALA A 130 -3.52 -15.68 -12.50
N ILE A 131 -2.44 -14.91 -12.23
CA ILE A 131 -1.31 -15.40 -11.45
C ILE A 131 -1.04 -14.33 -10.38
N PHE A 132 -1.11 -14.72 -9.08
CA PHE A 132 -0.82 -13.77 -8.02
C PHE A 132 0.58 -14.16 -7.52
N MET A 133 1.59 -13.26 -7.63
CA MET A 133 2.94 -13.59 -7.22
C MET A 133 3.22 -12.96 -5.86
N THR A 134 3.49 -13.81 -4.86
CA THR A 134 3.87 -13.38 -3.53
C THR A 134 4.37 -14.56 -2.70
N ALA A 135 5.42 -14.34 -1.92
CA ALA A 135 5.88 -15.34 -0.97
C ALA A 135 4.89 -15.55 0.18
N THR A 136 4.04 -14.52 0.46
CA THR A 136 3.15 -14.55 1.62
C THR A 136 1.68 -14.33 1.23
N PRO A 137 1.03 -15.40 0.73
CA PRO A 137 -0.38 -15.25 0.33
C PRO A 137 -1.32 -14.98 1.50
N PRO A 138 -2.52 -14.43 1.23
CA PRO A 138 -3.46 -14.15 2.33
C PRO A 138 -3.69 -15.33 3.29
N GLY A 139 -3.57 -15.11 4.58
CA GLY A 139 -3.76 -16.15 5.56
C GLY A 139 -2.51 -16.94 5.93
N THR A 140 -1.34 -16.58 5.35
CA THR A 140 -0.09 -17.27 5.73
C THR A 140 0.18 -17.10 7.22
N ARG A 141 0.65 -18.17 7.83
CA ARG A 141 0.94 -18.19 9.27
C ARG A 141 2.43 -18.39 9.54
N ASP A 142 3.29 -18.27 8.50
CA ASP A 142 4.71 -18.49 8.64
C ASP A 142 5.48 -17.18 8.51
N ALA A 143 5.96 -16.63 9.64
CA ALA A 143 6.76 -15.38 9.60
C ALA A 143 8.22 -15.61 9.26
N PHE A 144 8.66 -16.89 9.13
CA PHE A 144 10.09 -17.18 8.88
C PHE A 144 10.26 -18.10 7.66
N PRO A 145 9.90 -17.61 6.46
CA PRO A 145 10.06 -18.44 5.25
C PRO A 145 11.52 -18.66 4.86
N ASP A 146 11.73 -19.50 3.83
CA ASP A 146 13.06 -19.74 3.29
C ASP A 146 13.67 -18.44 2.74
N SER A 147 15.01 -18.41 2.60
CA SER A 147 15.70 -17.25 2.03
C SER A 147 16.90 -17.74 1.17
N ASN A 148 17.50 -16.84 0.37
CA ASN A 148 18.65 -17.27 -0.46
C ASN A 148 19.86 -17.63 0.42
N SER A 149 20.02 -16.95 1.56
CA SER A 149 21.10 -17.33 2.50
C SER A 149 20.61 -17.32 3.95
N PRO A 150 21.22 -18.15 4.82
CA PRO A 150 20.75 -18.19 6.22
C PRO A 150 20.69 -16.82 6.88
N ILE A 151 19.65 -16.63 7.69
CA ILE A 151 19.44 -15.38 8.44
C ILE A 151 19.58 -15.68 9.95
N MET A 152 20.17 -14.75 10.72
CA MET A 152 20.25 -14.87 12.18
C MET A 152 19.01 -14.18 12.77
N ASP A 153 18.02 -14.94 13.23
CA ASP A 153 16.79 -14.40 13.80
C ASP A 153 16.96 -14.20 15.31
N THR A 154 16.69 -12.98 15.84
CA THR A 154 16.85 -12.75 17.28
C THR A 154 15.69 -11.93 17.80
N GLU A 155 14.98 -12.48 18.81
CA GLU A 155 13.91 -11.75 19.48
C GLU A 155 14.59 -10.85 20.50
N VAL A 156 14.34 -9.52 20.41
CA VAL A 156 15.01 -8.54 21.29
C VAL A 156 14.12 -7.31 21.46
N GLU A 157 14.21 -6.61 22.63
CA GLU A 157 13.44 -5.37 22.81
C GLU A 157 13.98 -4.31 21.85
N VAL A 158 13.12 -3.72 21.02
CA VAL A 158 13.51 -2.73 20.01
C VAL A 158 12.97 -1.37 20.48
N PRO A 159 13.81 -0.31 20.51
CA PRO A 159 13.28 1.01 20.92
C PRO A 159 12.24 1.53 19.96
N GLU A 160 11.22 2.21 20.49
CA GLU A 160 10.19 2.91 19.74
C GLU A 160 10.16 4.42 20.06
N ARG A 161 11.16 4.91 20.82
CA ARG A 161 11.33 6.29 21.21
C ARG A 161 12.83 6.54 21.20
N ALA A 162 13.25 7.81 21.35
CA ALA A 162 14.66 8.13 21.52
C ALA A 162 15.15 7.47 22.82
N TRP A 163 16.42 7.06 22.84
CA TRP A 163 16.97 6.40 24.01
C TRP A 163 18.34 6.96 24.34
N SER A 164 18.75 6.82 25.61
CA SER A 164 20.09 7.27 26.02
C SER A 164 21.00 6.08 26.40
N SER A 165 20.42 4.89 26.67
CA SER A 165 21.17 3.73 27.12
C SER A 165 20.35 2.42 26.97
N GLY A 166 21.00 1.28 27.08
CA GLY A 166 20.33 0.00 27.05
C GLY A 166 20.13 -0.66 25.69
N PHE A 167 20.54 0.02 24.60
CA PHE A 167 20.38 -0.54 23.24
C PHE A 167 21.66 -0.35 22.44
N ASP A 168 22.82 -0.61 23.10
CA ASP A 168 24.11 -0.43 22.42
C ASP A 168 24.21 -1.22 21.09
N TRP A 169 23.56 -2.40 21.00
CA TRP A 169 23.64 -3.24 19.78
C TRP A 169 23.12 -2.49 18.54
N VAL A 170 22.23 -1.52 18.73
CA VAL A 170 21.68 -0.79 17.58
C VAL A 170 22.75 0.06 16.91
N THR A 171 23.51 0.81 17.72
CA THR A 171 24.50 1.74 17.18
C THR A 171 25.90 1.16 17.04
N ASP A 172 26.20 0.03 17.73
CA ASP A 172 27.52 -0.61 17.64
C ASP A 172 27.80 -1.27 16.27
N HIS A 173 26.78 -1.48 15.47
CA HIS A 173 26.81 -2.11 14.16
C HIS A 173 27.53 -1.25 13.14
N SER A 174 28.31 -1.88 12.26
CA SER A 174 29.06 -1.12 11.25
C SER A 174 28.56 -1.34 9.81
N GLY A 175 27.40 -1.98 9.64
CA GLY A 175 26.85 -2.24 8.32
C GLY A 175 25.69 -1.31 7.98
N LYS A 176 24.70 -1.81 7.22
CA LYS A 176 23.55 -0.98 6.85
C LYS A 176 22.28 -1.64 7.36
N THR A 177 21.39 -0.85 8.00
CA THR A 177 20.17 -1.41 8.59
C THR A 177 18.94 -0.83 8.00
N VAL A 178 17.91 -1.67 7.77
CA VAL A 178 16.57 -1.21 7.39
C VAL A 178 15.69 -1.42 8.64
N TRP A 179 15.07 -0.34 9.14
CA TRP A 179 14.30 -0.41 10.39
C TRP A 179 12.84 -0.08 10.14
N PHE A 180 11.96 -1.05 10.40
CA PHE A 180 10.53 -0.86 10.19
C PHE A 180 9.86 -0.30 11.46
N VAL A 181 9.24 0.86 11.33
CA VAL A 181 8.50 1.57 12.38
C VAL A 181 6.99 1.55 12.09
N PRO A 182 6.15 1.75 13.13
CA PRO A 182 4.68 1.69 12.90
C PRO A 182 4.05 2.94 12.32
N SER A 183 4.78 4.07 12.34
CA SER A 183 4.21 5.31 11.79
C SER A 183 5.29 6.29 11.39
N VAL A 184 4.91 7.28 10.57
CA VAL A 184 5.85 8.34 10.20
C VAL A 184 6.34 9.10 11.43
N ARG A 185 5.43 9.51 12.33
CA ARG A 185 5.82 10.24 13.54
C ARG A 185 6.80 9.44 14.40
N ASN A 186 6.58 8.11 14.52
CA ASN A 186 7.51 7.29 15.31
CA ASN A 186 7.50 7.25 15.26
C ASN A 186 8.89 7.26 14.62
N GLY A 187 8.92 7.14 13.29
CA GLY A 187 10.20 7.14 12.58
C GLY A 187 10.94 8.44 12.71
N ASN A 188 10.22 9.60 12.71
CA ASN A 188 10.89 10.90 12.88
C ASN A 188 11.69 10.95 14.20
N GLU A 189 11.10 10.43 15.30
CA GLU A 189 11.79 10.43 16.60
C GLU A 189 13.02 9.51 16.61
N ILE A 190 12.88 8.31 16.04
CA ILE A 190 14.02 7.38 15.98
C ILE A 190 15.10 7.95 15.08
N ALA A 191 14.71 8.49 13.91
CA ALA A 191 15.68 9.08 12.97
C ALA A 191 16.46 10.20 13.64
N ALA A 192 15.77 11.13 14.37
CA ALA A 192 16.47 12.22 15.05
C ALA A 192 17.47 11.71 16.09
N CYS A 193 17.11 10.64 16.82
CA CYS A 193 18.00 10.05 17.81
C CYS A 193 19.26 9.52 17.12
N LEU A 194 19.08 8.79 15.99
CA LEU A 194 20.20 8.19 15.26
C LEU A 194 21.08 9.28 14.64
N THR A 195 20.46 10.34 14.08
CA THR A 195 21.23 11.45 13.50
C THR A 195 22.06 12.15 14.57
N LYS A 196 21.48 12.39 15.76
CA LYS A 196 22.23 13.01 16.86
C LYS A 196 23.44 12.16 17.27
N ALA A 197 23.34 10.82 17.14
CA ALA A 197 24.42 9.87 17.42
C ALA A 197 25.46 9.73 16.28
N GLY A 198 25.34 10.53 15.23
CA GLY A 198 26.30 10.51 14.13
C GLY A 198 25.96 9.58 12.99
N LYS A 199 24.73 8.99 12.96
CA LYS A 199 24.38 8.10 11.83
C LYS A 199 23.79 8.85 10.65
N ARG A 200 23.89 8.29 9.43
CA ARG A 200 23.28 8.86 8.24
C ARG A 200 21.96 8.14 7.99
N VAL A 201 20.84 8.85 8.08
CA VAL A 201 19.54 8.24 8.00
C VAL A 201 18.70 8.71 6.83
N ILE A 202 17.98 7.80 6.16
CA ILE A 202 17.02 8.12 5.10
C ILE A 202 15.67 7.64 5.61
N GLN A 203 14.61 8.45 5.49
CA GLN A 203 13.26 8.04 5.91
C GLN A 203 12.36 7.78 4.71
N LEU A 204 11.58 6.68 4.73
CA LEU A 204 10.63 6.33 3.67
C LEU A 204 9.24 6.17 4.22
N SER A 205 8.24 6.65 3.46
CA SER A 205 6.80 6.53 3.77
C SER A 205 6.03 6.51 2.44
N ARG A 206 4.72 6.20 2.45
CA ARG A 206 3.97 6.15 1.19
C ARG A 206 4.05 7.44 0.37
N LYS A 207 3.94 8.59 1.03
CA LYS A 207 3.96 9.86 0.29
C LYS A 207 5.32 10.30 -0.19
N THR A 208 6.40 9.81 0.42
CA THR A 208 7.73 10.23 -0.02
C THR A 208 8.52 9.13 -0.76
N PHE A 209 7.95 7.92 -0.87
CA PHE A 209 8.61 6.70 -1.37
C PHE A 209 9.45 6.82 -2.66
N GLU A 210 8.90 7.22 -3.85
CA GLU A 210 9.77 7.23 -5.06
C GLU A 210 10.99 8.14 -4.93
N THR A 211 10.75 9.38 -4.46
CA THR A 211 11.79 10.37 -4.31
C THR A 211 12.88 9.96 -3.33
N GLU A 212 12.48 9.56 -2.10
CA GLU A 212 13.45 9.21 -1.08
C GLU A 212 14.10 7.87 -1.36
N PHE A 213 13.38 6.90 -1.99
CA PHE A 213 13.98 5.58 -2.26
C PHE A 213 15.23 5.72 -3.16
N GLN A 214 15.21 6.68 -4.12
CA GLN A 214 16.38 6.89 -4.99
C GLN A 214 17.65 7.22 -4.19
N LYS A 215 17.50 7.87 -3.01
CA LYS A 215 18.65 8.19 -2.15
C LYS A 215 19.35 6.95 -1.63
N THR A 216 18.62 5.82 -1.48
CA THR A 216 19.25 4.58 -1.01
C THR A 216 20.24 4.02 -2.04
N LYS A 217 20.10 4.44 -3.34
CA LYS A 217 20.98 4.01 -4.43
C LYS A 217 22.07 5.06 -4.72
N ASN A 218 21.74 6.36 -4.56
CA ASN A 218 22.61 7.50 -4.92
C ASN A 218 23.60 7.97 -3.85
N GLN A 219 23.40 7.59 -2.58
CA GLN A 219 24.32 8.04 -1.53
C GLN A 219 24.53 7.00 -0.42
N GLU A 220 25.61 7.16 0.36
CA GLU A 220 25.90 6.26 1.45
C GLU A 220 24.98 6.55 2.63
N TRP A 221 24.56 5.51 3.28
CA TRP A 221 23.65 5.61 4.41
C TRP A 221 23.96 4.51 5.40
N ASP A 222 23.58 4.74 6.67
CA ASP A 222 23.78 3.77 7.77
C ASP A 222 22.42 3.14 8.11
N PHE A 223 21.35 3.94 8.13
CA PHE A 223 20.01 3.42 8.39
C PHE A 223 18.99 3.92 7.41
N VAL A 224 18.00 3.07 7.10
CA VAL A 224 16.80 3.47 6.40
C VAL A 224 15.67 3.26 7.47
N ILE A 225 14.91 4.28 7.80
CA ILE A 225 13.76 4.19 8.71
C ILE A 225 12.54 4.20 7.81
N THR A 226 11.71 3.14 7.84
CA THR A 226 10.60 3.04 6.92
C THR A 226 9.33 2.48 7.56
N THR A 227 8.18 2.88 7.01
CA THR A 227 6.89 2.34 7.39
C THR A 227 6.70 1.03 6.56
N ASP A 228 5.55 0.36 6.71
CA ASP A 228 5.27 -0.90 6.05
C ASP A 228 5.28 -0.83 4.51
N ILE A 229 5.37 0.38 3.89
CA ILE A 229 5.39 0.41 2.40
C ILE A 229 6.61 -0.34 1.81
N SER A 230 7.72 -0.45 2.59
CA SER A 230 8.89 -1.18 2.10
C SER A 230 8.68 -2.71 2.10
N GLU A 231 7.51 -3.23 2.56
CA GLU A 231 7.24 -4.67 2.41
C GLU A 231 6.91 -5.03 0.93
N MET A 232 6.68 -4.01 0.06
CA MET A 232 6.20 -4.25 -1.29
C MET A 232 7.29 -4.22 -2.38
N GLY A 233 8.24 -5.14 -2.28
CA GLY A 233 9.27 -5.28 -3.30
C GLY A 233 10.40 -4.28 -3.29
N ALA A 234 10.56 -3.53 -2.19
CA ALA A 234 11.67 -2.57 -2.09
C ALA A 234 12.93 -3.34 -1.74
N ASN A 235 13.96 -3.19 -2.57
CA ASN A 235 15.22 -3.88 -2.35
C ASN A 235 16.31 -2.94 -1.88
N PHE A 236 17.08 -3.42 -0.90
CA PHE A 236 18.14 -2.65 -0.30
C PHE A 236 19.41 -3.51 -0.28
N LYS A 237 20.55 -2.86 -0.18
CA LYS A 237 21.82 -3.61 -0.07
C LYS A 237 22.12 -3.47 1.39
N ALA A 238 21.43 -4.27 2.20
CA ALA A 238 21.56 -4.16 3.65
C ALA A 238 22.02 -5.48 4.28
N ASP A 239 22.53 -5.41 5.52
CA ASP A 239 22.86 -6.66 6.22
C ASP A 239 22.07 -6.87 7.50
N ARG A 240 21.16 -5.95 7.85
CA ARG A 240 20.35 -6.12 9.04
C ARG A 240 18.99 -5.47 8.87
N VAL A 241 17.94 -6.12 9.40
CA VAL A 241 16.61 -5.53 9.51
C VAL A 241 16.31 -5.46 11.01
N ILE A 242 15.88 -4.29 11.50
CA ILE A 242 15.39 -4.13 12.88
C ILE A 242 13.86 -3.96 12.67
N ASP A 243 13.08 -4.81 13.32
CA ASP A 243 11.65 -4.80 13.09
C ASP A 243 10.91 -4.63 14.41
N SER A 244 10.25 -3.47 14.58
CA SER A 244 9.43 -3.22 15.76
C SER A 244 8.29 -4.28 15.88
N ARG A 245 7.94 -4.92 14.73
CA ARG A 245 6.81 -5.86 14.62
C ARG A 245 5.50 -5.17 14.94
N ARG A 246 5.42 -3.82 14.70
CA ARG A 246 4.21 -3.08 15.01
C ARG A 246 3.76 -2.25 13.81
N CYS A 247 2.45 -2.01 13.79
CA CYS A 247 1.82 -1.22 12.72
C CYS A 247 0.62 -0.46 13.32
N LEU A 248 0.06 0.48 12.54
CA LEU A 248 -1.20 1.15 12.95
C LEU A 248 -2.33 0.45 12.18
N LYS A 249 -3.52 0.44 12.76
CA LYS A 249 -4.66 -0.26 12.14
C LYS A 249 -5.81 0.75 12.05
N PRO A 250 -6.25 1.15 10.84
CA PRO A 250 -7.41 2.05 10.76
C PRO A 250 -8.63 1.21 11.12
N VAL A 251 -9.48 1.75 12.00
CA VAL A 251 -10.66 1.07 12.46
C VAL A 251 -11.85 2.02 12.40
N ILE A 252 -12.94 1.56 11.78
CA ILE A 252 -14.16 2.38 11.73
C ILE A 252 -14.96 2.12 13.05
N LEU A 253 -15.28 3.19 13.82
CA LEU A 253 -16.04 3.01 15.07
C LEU A 253 -17.46 3.47 14.90
N ASP A 254 -18.43 2.65 15.28
CA ASP A 254 -19.86 2.96 15.20
C ASP A 254 -20.30 3.45 13.81
N GLY A 255 -19.57 3.05 12.76
CA GLY A 255 -19.84 3.44 11.38
C GLY A 255 -19.77 4.92 11.12
N GLU A 256 -19.14 5.71 12.03
CA GLU A 256 -19.18 7.18 11.89
C GLU A 256 -17.85 7.93 12.03
N ARG A 257 -16.76 7.24 12.39
CA ARG A 257 -15.43 7.88 12.48
C ARG A 257 -14.38 6.83 12.25
N VAL A 258 -13.16 7.25 11.87
CA VAL A 258 -12.07 6.30 11.67
C VAL A 258 -10.94 6.73 12.58
N ILE A 259 -10.44 5.79 13.41
CA ILE A 259 -9.28 6.08 14.24
C ILE A 259 -8.12 5.22 13.76
N LEU A 260 -6.89 5.63 14.10
CA LEU A 260 -5.71 4.80 13.82
C LEU A 260 -5.37 4.15 15.17
N ALA A 261 -5.77 2.88 15.34
CA ALA A 261 -5.55 2.13 16.57
C ALA A 261 -4.15 1.56 16.62
N GLY A 262 -3.65 1.44 17.84
CA GLY A 262 -2.36 0.83 18.04
C GLY A 262 -1.32 1.81 18.53
N PRO A 263 -0.05 1.55 18.25
CA PRO A 263 0.50 0.46 17.43
C PRO A 263 0.18 -0.93 17.97
N MET A 264 -0.02 -1.87 17.04
CA MET A 264 -0.32 -3.24 17.43
C MET A 264 0.47 -4.22 16.56
N PRO A 265 0.44 -5.53 16.88
CA PRO A 265 1.27 -6.47 16.12
C PRO A 265 0.97 -6.54 14.63
N VAL A 266 2.01 -6.78 13.84
CA VAL A 266 1.84 -6.98 12.41
C VAL A 266 1.33 -8.42 12.16
N THR A 267 0.84 -8.66 10.90
CA THR A 267 0.46 -10.02 10.53
C THR A 267 1.73 -10.82 10.28
N HIS A 268 1.58 -12.16 10.16
CA HIS A 268 2.73 -13.02 9.84
C HIS A 268 3.25 -12.66 8.42
N ALA A 269 2.34 -12.37 7.48
CA ALA A 269 2.75 -11.99 6.12
C ALA A 269 3.63 -10.75 6.14
N SER A 270 3.22 -9.68 6.94
CA SER A 270 4.08 -8.50 6.98
C SER A 270 5.39 -8.81 7.62
N ALA A 271 5.39 -9.57 8.74
CA ALA A 271 6.70 -9.89 9.39
C ALA A 271 7.63 -10.64 8.45
N ALA A 272 7.07 -11.56 7.66
CA ALA A 272 7.90 -12.35 6.73
C ALA A 272 8.48 -11.43 5.61
N GLN A 273 7.69 -10.45 5.14
CA GLN A 273 8.18 -9.53 4.10
C GLN A 273 9.20 -8.55 4.65
N ARG A 274 9.03 -8.10 5.95
CA ARG A 274 10.02 -7.19 6.54
C ARG A 274 11.31 -7.94 6.70
N ARG A 275 11.27 -9.14 7.29
CA ARG A 275 12.48 -9.98 7.40
C ARG A 275 13.09 -10.27 6.01
N GLY A 276 12.21 -10.49 5.04
CA GLY A 276 12.58 -10.81 3.65
C GLY A 276 13.43 -9.79 2.92
N ARG A 277 13.58 -8.58 3.50
CA ARG A 277 14.46 -7.55 2.90
C ARG A 277 15.92 -8.00 2.93
N ILE A 278 16.30 -8.90 3.91
CA ILE A 278 17.70 -9.37 4.00
C ILE A 278 17.76 -10.91 3.77
N GLY A 279 18.98 -11.48 3.73
CA GLY A 279 19.16 -12.89 3.41
C GLY A 279 18.98 -13.15 1.91
N ARG A 280 18.97 -12.09 1.08
CA ARG A 280 18.72 -12.22 -0.35
C ARG A 280 19.95 -12.58 -1.18
N ASN A 281 21.15 -12.45 -0.60
CA ASN A 281 22.37 -12.73 -1.38
C ASN A 281 22.91 -14.11 -0.99
N PRO A 282 22.88 -15.10 -1.92
CA PRO A 282 23.38 -16.44 -1.57
C PRO A 282 24.86 -16.46 -1.15
N ASN A 283 25.62 -15.42 -1.52
CA ASN A 283 27.04 -15.34 -1.19
C ASN A 283 27.33 -14.57 0.13
N LYS A 284 26.28 -14.08 0.83
CA LYS A 284 26.47 -13.32 2.06
C LYS A 284 25.54 -13.86 3.15
N PRO A 285 25.91 -15.00 3.74
CA PRO A 285 25.12 -15.55 4.84
C PRO A 285 25.29 -14.70 6.12
N GLY A 286 24.36 -14.85 7.05
CA GLY A 286 24.51 -14.16 8.33
C GLY A 286 23.96 -12.77 8.43
N ASP A 287 23.06 -12.38 7.49
CA ASP A 287 22.35 -11.10 7.67
C ASP A 287 21.45 -11.26 8.93
N GLU A 288 21.20 -10.17 9.65
CA GLU A 288 20.51 -10.24 10.92
C GLU A 288 19.09 -9.75 10.86
N TYR A 289 18.17 -10.40 11.59
CA TYR A 289 16.81 -9.92 11.69
C TYR A 289 16.52 -9.83 13.20
N MET A 290 16.39 -8.61 13.73
CA MET A 290 16.10 -8.38 15.17
C MET A 290 14.66 -8.02 15.26
N TYR A 291 13.83 -8.77 16.02
CA TYR A 291 12.39 -8.47 16.05
C TYR A 291 11.87 -8.24 17.46
N GLY A 292 11.01 -7.23 17.62
CA GLY A 292 10.58 -6.75 18.93
C GLY A 292 9.19 -7.04 19.43
N GLY A 293 8.58 -8.07 18.87
CA GLY A 293 7.24 -8.49 19.31
C GLY A 293 6.71 -9.65 18.50
N GLY A 294 5.54 -10.14 18.87
CA GLY A 294 4.95 -11.26 18.16
C GLY A 294 4.06 -10.82 17.01
N CYS A 295 3.44 -11.79 16.28
CA CYS A 295 2.49 -11.50 15.18
C CYS A 295 1.08 -11.75 15.63
N ALA A 296 0.10 -11.13 14.94
CA ALA A 296 -1.32 -11.36 15.26
C ALA A 296 -2.18 -11.11 13.99
N GLU A 297 -3.47 -11.52 14.00
CA GLU A 297 -4.35 -11.38 12.85
CA GLU A 297 -4.35 -11.39 12.85
C GLU A 297 -4.95 -9.97 12.81
N THR A 298 -4.09 -8.96 12.73
CA THR A 298 -4.54 -7.58 12.81
C THR A 298 -5.18 -7.06 11.50
N ASP A 299 -5.29 -7.91 10.45
CA ASP A 299 -6.07 -7.52 9.26
C ASP A 299 -7.60 -7.78 9.50
N GLU A 300 -7.96 -8.57 10.52
CA GLU A 300 -9.39 -8.80 10.80
C GLU A 300 -9.96 -7.50 11.36
N GLY A 301 -11.06 -6.99 10.78
CA GLY A 301 -11.70 -5.75 11.23
C GLY A 301 -10.97 -4.47 10.85
N HIS A 302 -9.94 -4.60 9.99
CA HIS A 302 -9.12 -3.49 9.53
C HIS A 302 -9.92 -2.74 8.43
N ALA A 303 -9.97 -1.41 8.49
CA ALA A 303 -10.79 -0.64 7.54
C ALA A 303 -10.50 -0.89 6.08
N HIS A 304 -9.25 -1.29 5.74
CA HIS A 304 -8.96 -1.44 4.29
C HIS A 304 -9.87 -2.43 3.57
N TRP A 305 -10.32 -3.50 4.27
CA TRP A 305 -11.16 -4.51 3.61
C TRP A 305 -12.60 -3.98 3.43
N LEU A 306 -13.08 -3.10 4.33
CA LEU A 306 -14.39 -2.48 4.15
C LEU A 306 -14.26 -1.45 2.98
N GLU A 307 -13.15 -0.68 2.97
CA GLU A 307 -12.92 0.28 1.87
C GLU A 307 -12.81 -0.44 0.49
N ALA A 308 -12.20 -1.66 0.45
CA ALA A 308 -12.11 -2.41 -0.83
C ALA A 308 -13.53 -2.79 -1.28
N ARG A 309 -14.44 -3.12 -0.32
CA ARG A 309 -15.83 -3.43 -0.72
C ARG A 309 -16.51 -2.17 -1.26
N MET A 310 -16.22 -0.95 -0.67
CA MET A 310 -16.80 0.30 -1.20
C MET A 310 -16.36 0.49 -2.67
N LEU A 311 -15.07 0.19 -2.95
CA LEU A 311 -14.60 0.35 -4.34
C LEU A 311 -15.31 -0.69 -5.26
N LEU A 312 -15.29 -2.01 -4.85
CA LEU A 312 -15.88 -3.04 -5.70
C LEU A 312 -17.36 -2.88 -5.94
N ASP A 313 -18.09 -2.33 -4.96
CA ASP A 313 -19.53 -2.09 -5.19
C ASP A 313 -19.79 -1.05 -6.30
N ASN A 314 -18.77 -0.23 -6.61
CA ASN A 314 -18.89 0.85 -7.58
C ASN A 314 -18.11 0.59 -8.89
N ILE A 315 -17.74 -0.67 -9.13
CA ILE A 315 -17.10 -1.06 -10.39
C ILE A 315 -18.09 -1.90 -11.19
N TYR A 316 -18.32 -1.51 -12.46
CA TYR A 316 -19.16 -2.32 -13.33
C TYR A 316 -18.51 -3.66 -13.65
N LEU A 317 -19.29 -4.72 -13.56
CA LEU A 317 -18.80 -6.08 -13.85
C LEU A 317 -19.65 -6.66 -15.01
N GLN A 318 -20.96 -6.76 -14.79
CA GLN A 318 -21.91 -7.30 -15.76
C GLN A 318 -23.29 -7.01 -15.17
N ASP A 319 -24.13 -6.18 -15.84
CA ASP A 319 -25.44 -5.77 -15.35
C ASP A 319 -25.36 -5.27 -13.86
N GLY A 320 -26.17 -5.84 -12.96
CA GLY A 320 -26.11 -5.45 -11.56
C GLY A 320 -25.20 -6.32 -10.70
N LEU A 321 -24.41 -7.22 -11.34
CA LEU A 321 -23.49 -8.12 -10.64
C LEU A 321 -22.33 -7.36 -10.04
N ILE A 322 -21.87 -7.83 -8.89
CA ILE A 322 -20.81 -7.14 -8.17
C ILE A 322 -19.70 -8.12 -7.81
N ALA A 323 -18.44 -7.72 -7.99
CA ALA A 323 -17.31 -8.60 -7.71
C ALA A 323 -17.15 -8.85 -6.20
N SER A 324 -16.81 -10.08 -5.86
CA SER A 324 -16.55 -10.47 -4.48
C SER A 324 -15.08 -10.27 -4.18
N LEU A 325 -14.73 -10.16 -2.87
CA LEU A 325 -13.32 -10.16 -2.48
C LEU A 325 -12.75 -11.55 -2.80
N TYR A 326 -11.43 -11.63 -3.02
CA TYR A 326 -10.72 -12.89 -3.26
C TYR A 326 -10.98 -13.80 -2.00
N ARG A 327 -11.40 -15.07 -2.20
CA ARG A 327 -11.89 -15.93 -1.13
C ARG A 327 -11.05 -15.94 0.19
N PRO A 328 -9.73 -16.17 0.17
CA PRO A 328 -8.97 -16.17 1.45
C PRO A 328 -8.99 -14.87 2.22
N GLU A 329 -9.44 -13.74 1.62
CA GLU A 329 -9.53 -12.52 2.42
C GLU A 329 -10.95 -11.98 2.52
N ALA A 330 -11.96 -12.78 2.15
CA ALA A 330 -13.34 -12.34 2.18
C ALA A 330 -13.95 -12.28 3.59
N ASP A 331 -13.34 -12.92 4.59
CA ASP A 331 -13.92 -12.90 5.96
C ASP A 331 -13.38 -11.82 6.86
N LYS A 332 -12.52 -10.94 6.35
CA LYS A 332 -11.89 -9.88 7.15
C LYS A 332 -12.78 -8.67 7.43
N VAL A 333 -13.97 -8.64 6.83
CA VAL A 333 -14.90 -7.53 6.99
C VAL A 333 -16.32 -8.07 7.12
N ALA A 334 -17.16 -7.47 7.97
CA ALA A 334 -18.57 -7.84 8.04
C ALA A 334 -19.21 -6.82 7.11
N ALA A 335 -19.46 -7.21 5.87
CA ALA A 335 -20.06 -6.32 4.87
C ALA A 335 -20.81 -7.17 3.88
N ILE A 336 -21.90 -6.62 3.35
CA ILE A 336 -22.80 -7.26 2.38
C ILE A 336 -22.41 -6.75 0.99
N GLU A 337 -22.20 -7.63 0.02
CA GLU A 337 -21.95 -7.18 -1.36
C GLU A 337 -23.09 -6.29 -1.89
N GLY A 338 -22.75 -5.11 -2.43
CA GLY A 338 -23.72 -4.16 -2.93
C GLY A 338 -24.21 -3.10 -1.98
N GLU A 339 -23.89 -3.20 -0.65
CA GLU A 339 -24.43 -2.18 0.29
C GLU A 339 -23.91 -0.76 0.04
N PHE A 340 -22.74 -0.63 -0.63
CA PHE A 340 -22.14 0.69 -0.88
C PHE A 340 -22.30 1.14 -2.35
N LYS A 341 -23.16 0.45 -3.15
CA LYS A 341 -23.33 0.84 -4.56
C LYS A 341 -24.01 2.20 -4.60
N LEU A 342 -23.40 3.16 -5.28
CA LEU A 342 -23.96 4.53 -5.36
C LEU A 342 -24.63 4.79 -6.72
N ARG A 343 -25.58 5.75 -6.72
CA ARG A 343 -26.18 6.19 -7.97
C ARG A 343 -25.17 6.98 -8.82
N THR A 344 -25.43 7.16 -10.13
CA THR A 344 -24.50 7.74 -11.08
C THR A 344 -23.76 9.01 -10.59
N GLU A 345 -24.48 10.09 -10.23
CA GLU A 345 -23.82 11.33 -9.84
C GLU A 345 -23.04 11.18 -8.54
N GLN A 346 -23.60 10.44 -7.58
CA GLN A 346 -22.87 10.26 -6.30
C GLN A 346 -21.60 9.42 -6.55
N ARG A 347 -21.66 8.42 -7.45
CA ARG A 347 -20.47 7.61 -7.77
C ARG A 347 -19.39 8.47 -8.37
N LYS A 348 -19.78 9.42 -9.26
CA LYS A 348 -18.79 10.31 -9.85
C LYS A 348 -18.12 11.18 -8.78
N THR A 349 -18.92 11.69 -7.81
CA THR A 349 -18.33 12.51 -6.73
C THR A 349 -17.35 11.64 -5.91
N PHE A 350 -17.77 10.41 -5.61
CA PHE A 350 -16.92 9.47 -4.82
C PHE A 350 -15.56 9.28 -5.50
N VAL A 351 -15.59 9.03 -6.82
CA VAL A 351 -14.33 8.88 -7.57
C VAL A 351 -13.48 10.14 -7.52
N GLU A 352 -14.08 11.31 -7.79
CA GLU A 352 -13.29 12.55 -7.80
C GLU A 352 -12.72 12.89 -6.41
N LEU A 353 -13.48 12.61 -5.33
CA LEU A 353 -12.93 12.89 -3.97
C LEU A 353 -11.67 12.05 -3.71
N MET A 354 -11.62 10.83 -4.27
CA MET A 354 -10.40 10.01 -4.12
C MET A 354 -9.30 10.45 -5.08
N LYS A 355 -9.65 10.57 -6.36
CA LYS A 355 -8.64 10.86 -7.42
C LYS A 355 -8.03 12.27 -7.34
N ARG A 356 -8.87 13.28 -7.27
CA ARG A 356 -8.40 14.66 -7.20
C ARG A 356 -8.32 15.14 -5.73
N GLY A 357 -9.29 14.73 -4.93
CA GLY A 357 -9.32 15.15 -3.53
C GLY A 357 -8.24 14.50 -2.67
N ASP A 358 -7.77 13.32 -3.08
CA ASP A 358 -6.80 12.52 -2.31
C ASP A 358 -7.33 12.18 -0.90
N LEU A 359 -8.66 11.99 -0.78
CA LEU A 359 -9.23 11.60 0.52
C LEU A 359 -9.18 10.07 0.66
N PRO A 360 -9.13 9.58 1.92
CA PRO A 360 -9.26 8.13 2.14
C PRO A 360 -10.59 7.62 1.56
N VAL A 361 -10.61 6.36 1.11
CA VAL A 361 -11.87 5.80 0.54
C VAL A 361 -13.10 6.00 1.46
N TRP A 362 -12.93 5.65 2.78
CA TRP A 362 -14.09 5.72 3.69
C TRP A 362 -14.65 7.14 3.76
N LEU A 363 -13.76 8.14 3.86
CA LEU A 363 -14.19 9.51 4.00
C LEU A 363 -14.80 10.01 2.69
N ALA A 364 -14.21 9.65 1.55
CA ALA A 364 -14.81 10.04 0.24
C ALA A 364 -16.24 9.47 0.12
N TYR A 365 -16.43 8.23 0.59
CA TYR A 365 -17.76 7.61 0.54
C TYR A 365 -18.77 8.34 1.41
N GLN A 366 -18.37 8.78 2.64
CA GLN A 366 -19.36 9.48 3.50
C GLN A 366 -19.86 10.75 2.83
N VAL A 367 -18.92 11.50 2.24
CA VAL A 367 -19.27 12.78 1.61
C VAL A 367 -20.18 12.53 0.39
N ALA A 368 -19.76 11.64 -0.53
CA ALA A 368 -20.52 11.37 -1.76
C ALA A 368 -21.92 10.83 -1.42
N SER A 369 -21.99 9.88 -0.46
CA SER A 369 -23.30 9.28 -0.13
C SER A 369 -24.25 10.22 0.58
N ALA A 370 -23.73 11.31 1.15
CA ALA A 370 -24.54 12.35 1.77
C ALA A 370 -25.13 13.32 0.71
N GLY A 371 -24.82 13.12 -0.58
CA GLY A 371 -25.31 13.97 -1.65
C GLY A 371 -24.58 15.29 -1.80
N ILE A 372 -23.37 15.37 -1.23
CA ILE A 372 -22.54 16.58 -1.32
C ILE A 372 -21.72 16.53 -2.64
N THR A 373 -21.60 17.69 -3.34
CA THR A 373 -20.82 17.69 -4.60
C THR A 373 -19.34 17.94 -4.29
N TYR A 374 -18.47 17.56 -5.22
CA TYR A 374 -17.02 17.60 -5.02
C TYR A 374 -16.50 18.92 -4.46
N THR A 375 -16.93 20.06 -5.02
CA THR A 375 -16.36 21.34 -4.64
C THR A 375 -17.00 21.99 -3.40
N ASP A 376 -18.00 21.36 -2.81
CA ASP A 376 -18.70 21.94 -1.66
C ASP A 376 -17.97 21.46 -0.42
N ARG A 377 -17.24 22.38 0.27
CA ARG A 377 -16.42 22.04 1.42
C ARG A 377 -17.03 22.46 2.76
N ARG A 378 -18.35 22.81 2.77
CA ARG A 378 -18.98 23.23 4.02
C ARG A 378 -18.87 22.14 5.12
N TRP A 379 -18.85 20.88 4.72
CA TRP A 379 -18.72 19.77 5.67
C TRP A 379 -17.39 19.74 6.42
N CYS A 380 -16.37 20.45 5.89
CA CYS A 380 -15.07 20.45 6.62
C CYS A 380 -15.14 21.28 7.89
N PHE A 381 -16.21 22.08 8.10
CA PHE A 381 -16.27 23.04 9.20
C PHE A 381 -17.49 22.89 10.11
N ASP A 382 -18.47 22.03 9.75
CA ASP A 382 -19.73 21.99 10.49
C ASP A 382 -19.93 20.75 11.37
N GLY A 383 -18.85 20.04 11.68
CA GLY A 383 -18.95 18.87 12.53
C GLY A 383 -19.09 19.23 14.00
N THR A 384 -19.20 18.22 14.88
CA THR A 384 -19.31 18.49 16.32
C THR A 384 -17.96 18.99 16.87
N THR A 385 -17.97 19.68 18.02
CA THR A 385 -16.72 20.19 18.60
C THR A 385 -15.72 19.07 18.88
N ASN A 386 -16.19 17.82 19.14
CA ASN A 386 -15.25 16.72 19.37
C ASN A 386 -14.55 16.26 18.08
N ASN A 387 -15.00 16.75 16.90
CA ASN A 387 -14.31 16.46 15.64
C ASN A 387 -13.29 17.54 15.26
N THR A 388 -13.01 18.50 16.16
CA THR A 388 -12.00 19.53 15.93
C THR A 388 -10.63 18.90 15.70
N ILE A 389 -9.98 19.27 14.57
CA ILE A 389 -8.64 18.79 14.28
C ILE A 389 -7.65 19.71 14.98
N MET A 390 -6.68 19.13 15.67
CA MET A 390 -5.69 19.91 16.41
C MET A 390 -4.36 20.01 15.68
N GLU A 391 -3.70 21.16 15.76
CA GLU A 391 -2.40 21.38 15.16
CA GLU A 391 -2.40 21.38 15.16
C GLU A 391 -1.51 21.90 16.29
N ASP A 392 -0.54 21.10 16.72
CA ASP A 392 0.35 21.47 17.83
C ASP A 392 -0.42 21.90 19.10
N SER A 393 -1.46 21.11 19.46
CA SER A 393 -2.30 21.28 20.65
C SER A 393 -3.24 22.50 20.68
N VAL A 394 -3.51 23.11 19.52
CA VAL A 394 -4.47 24.23 19.38
C VAL A 394 -5.34 23.89 18.14
N PRO A 395 -6.63 24.26 18.09
CA PRO A 395 -7.44 23.90 16.93
C PRO A 395 -6.84 24.39 15.63
N ALA A 396 -6.77 23.51 14.61
CA ALA A 396 -6.25 23.91 13.30
C ALA A 396 -7.23 24.87 12.65
N GLU A 397 -6.70 25.86 11.90
CA GLU A 397 -7.49 26.91 11.27
C GLU A 397 -7.14 27.03 9.80
N VAL A 398 -8.13 27.33 8.94
CA VAL A 398 -7.85 27.61 7.53
C VAL A 398 -8.68 28.82 7.04
N TRP A 399 -8.25 29.45 5.91
CA TRP A 399 -9.13 30.44 5.32
C TRP A 399 -10.00 29.67 4.33
N THR A 400 -11.32 29.74 4.50
CA THR A 400 -12.22 29.05 3.59
C THR A 400 -12.15 29.74 2.21
N LYS A 401 -12.73 29.12 1.19
CA LYS A 401 -12.80 29.71 -0.14
C LYS A 401 -13.59 31.03 -0.13
N TYR A 402 -14.34 31.32 0.95
CA TYR A 402 -15.07 32.60 1.04
C TYR A 402 -14.22 33.73 1.69
N GLY A 403 -13.03 33.40 2.17
CA GLY A 403 -12.13 34.36 2.79
C GLY A 403 -12.32 34.51 4.29
N GLU A 404 -13.02 33.57 4.93
CA GLU A 404 -13.27 33.61 6.39
C GLU A 404 -12.31 32.63 7.08
N LYS A 405 -11.71 33.00 8.24
CA LYS A 405 -10.82 32.08 8.96
C LYS A 405 -11.73 31.20 9.84
N ARG A 406 -11.65 29.88 9.69
CA ARG A 406 -12.49 28.97 10.46
C ARG A 406 -11.70 27.79 11.00
N VAL A 407 -12.19 27.23 12.11
CA VAL A 407 -11.61 26.04 12.72
C VAL A 407 -11.99 24.83 11.91
N LEU A 408 -11.04 23.95 11.69
CA LEU A 408 -11.23 22.72 10.94
C LEU A 408 -11.95 21.74 11.85
N LYS A 409 -13.18 21.37 11.51
CA LYS A 409 -14.01 20.53 12.35
C LYS A 409 -14.91 19.72 11.39
N PRO A 410 -14.35 18.68 10.75
CA PRO A 410 -15.13 17.95 9.73
C PRO A 410 -16.31 17.18 10.28
N ARG A 411 -17.39 17.14 9.47
CA ARG A 411 -18.60 16.41 9.83
C ARG A 411 -18.31 14.93 10.14
N TRP A 412 -17.38 14.30 9.36
CA TRP A 412 -16.88 12.93 9.55
C TRP A 412 -15.40 13.05 9.81
N MET A 413 -14.93 12.38 10.87
CA MET A 413 -13.54 12.49 11.23
C MET A 413 -12.81 11.20 10.83
N ASP A 414 -11.78 11.34 10.00
CA ASP A 414 -10.96 10.18 9.61
C ASP A 414 -9.53 10.55 10.00
N ALA A 415 -9.00 9.86 11.01
CA ALA A 415 -7.66 10.17 11.55
C ALA A 415 -6.56 10.19 10.49
N ARG A 416 -6.76 9.53 9.36
CA ARG A 416 -5.73 9.51 8.32
C ARG A 416 -5.51 10.88 7.68
N VAL A 417 -6.49 11.82 7.79
CA VAL A 417 -6.25 13.15 7.20
C VAL A 417 -5.34 14.04 8.02
N CYS A 418 -5.00 13.64 9.24
CA CYS A 418 -4.16 14.47 10.11
C CYS A 418 -3.16 13.62 10.93
N SER A 419 -2.78 12.44 10.42
CA SER A 419 -1.86 11.49 11.09
C SER A 419 -0.39 11.95 11.15
N ASP A 420 -0.03 12.92 10.31
CA ASP A 420 1.30 13.52 10.24
C ASP A 420 1.21 14.94 9.66
N HIS A 421 2.31 15.72 9.68
CA HIS A 421 2.29 17.10 9.20
C HIS A 421 1.87 17.17 7.73
N ALA A 422 2.40 16.28 6.89
CA ALA A 422 2.09 16.32 5.45
C ALA A 422 0.60 16.03 5.19
N ALA A 423 0.02 15.07 5.94
CA ALA A 423 -1.41 14.73 5.72
C ALA A 423 -2.25 15.93 6.12
N LEU A 424 -1.92 16.56 7.30
CA LEU A 424 -2.74 17.68 7.76
C LEU A 424 -2.61 18.87 6.76
N LYS A 425 -1.39 19.13 6.28
CA LYS A 425 -1.21 20.24 5.30
C LYS A 425 -2.09 20.02 4.05
N SER A 426 -2.13 18.77 3.56
CA SER A 426 -2.92 18.43 2.38
C SER A 426 -4.44 18.60 2.67
N PHE A 427 -4.88 18.15 3.86
CA PHE A 427 -6.32 18.31 4.21
C PHE A 427 -6.72 19.77 4.37
N LYS A 428 -5.82 20.60 4.93
CA LYS A 428 -6.12 22.05 5.07
C LYS A 428 -6.30 22.66 3.68
N GLU A 429 -5.45 22.27 2.71
CA GLU A 429 -5.55 22.78 1.33
C GLU A 429 -6.91 22.36 0.74
N PHE A 430 -7.31 21.10 0.98
CA PHE A 430 -8.64 20.62 0.52
C PHE A 430 -9.78 21.43 1.16
N ALA A 431 -9.75 21.60 2.50
CA ALA A 431 -10.79 22.35 3.19
C ALA A 431 -10.94 23.80 2.65
N ALA A 432 -9.80 24.38 2.28
CA ALA A 432 -9.73 25.73 1.74
C ALA A 432 -10.23 25.86 0.29
N GLY A 433 -10.48 24.73 -0.38
CA GLY A 433 -10.94 24.71 -1.77
C GLY A 433 -9.81 24.87 -2.77
N LYS A 434 -8.57 24.49 -2.36
CA LYS A 434 -7.39 24.65 -3.22
C LYS A 434 -7.15 23.51 -4.20
N ARG A 435 -8.01 22.47 -4.17
CA ARG A 435 -7.97 21.40 -5.18
C ARG A 435 -9.33 20.73 -5.27
C1 EDO B . 1.70 3.51 -2.98
O1 EDO B . 0.77 3.48 -1.91
C2 EDO B . 2.42 4.84 -2.97
O2 EDO B . 3.81 4.64 -2.87
P PO4 C . 11.39 -12.28 -5.84
O1 PO4 C . 10.63 -11.41 -6.83
O2 PO4 C . 10.82 -13.71 -5.80
O3 PO4 C . 11.30 -11.66 -4.43
O4 PO4 C . 12.89 -12.36 -6.23
P PO4 D . -1.65 4.54 7.16
O1 PO4 D . -3.04 4.92 6.69
O2 PO4 D . -1.00 5.74 7.89
O3 PO4 D . -1.73 3.35 8.14
O4 PO4 D . -0.77 4.16 5.95
C1 MPD E . -8.58 3.93 -4.51
C2 MPD E . -8.04 4.79 -5.64
O2 MPD E . -7.33 5.88 -5.00
CM MPD E . -7.02 4.03 -6.47
C3 MPD E . -9.19 5.21 -6.52
C4 MPD E . -9.33 6.64 -7.03
O4 MPD E . -8.07 7.31 -7.11
C5 MPD E . -10.08 6.69 -8.35
N1 ZU7 F . -0.75 7.53 -16.39
N3 ZU7 F . -0.46 6.04 -19.75
C4 ZU7 F . -0.61 9.04 -14.42
C5 ZU7 F . -1.63 6.84 -14.18
C6 ZU7 F . -0.94 6.40 -15.48
C7 ZU7 F . -0.99 5.32 -20.85
C8 ZU7 F . -2.34 5.03 -20.99
C10 ZU7 F . -1.86 3.82 -22.96
O1 ZU7 F . -2.22 6.23 -18.33
C1 ZU7 F . -1.04 6.41 -18.60
C2 ZU7 F . -0.11 7.11 -17.63
C3 ZU7 F . 0.03 8.59 -15.73
N2 ZU7 F . -1.86 8.30 -14.16
C9 ZU7 F . -2.79 4.29 -22.08
F1 ZU7 F . -2.29 3.09 -24.03
C11 ZU7 F . -0.52 4.08 -22.85
C12 ZU7 F . -0.08 4.83 -21.78
#